data_4NV6
#
_entry.id   4NV6
#
_cell.length_a   139.563
_cell.length_b   139.563
_cell.length_c   68.724
_cell.angle_alpha   90.00
_cell.angle_beta   90.00
_cell.angle_gamma   120.00
#
_symmetry.space_group_name_H-M   'P 61'
#
loop_
_entity.id
_entity.type
_entity.pdbx_description
1 polymer 'VKORC1/thioredoxin domain protein'
2 non-polymer UBIQUINONE-10
#
_entity_poly.entity_id   1
_entity_poly.type   'polypeptide(L)'
_entity_poly.pdbx_seq_one_letter_code
;MASYLKLKAQEETWLQRHSRLILAILAGLGSLLTAYLTYTKLTEQPAAFCTGDGGCDLVLSSRWAEFLGIPTAAVGLLGF
LGVLALAVLPDGLPLVKRWRWPALFGLVSAMTAFEMYMLYLMVAVLRQFCMYCTTAIILVAGLGLVTVLGHRWLDGGKLA
FSYILVAFLTLVTTIGVYANQVPPPSPLAVGLAAHLRQIGGTMYGAYWCPHAQDQKELFGAAFDQVPYVECSPNGPGTPQ
AQECTEAGITSYPTWIINGRTYTGVRSLEALAVASGYPLEEGRLEHHHHHH
;
_entity_poly.pdbx_strand_id   A
#
loop_
_chem_comp.id
_chem_comp.type
_chem_comp.name
_chem_comp.formula
U10 non-polymer UBIQUINONE-10 'C59 H90 O4'
#
# COMPACT_ATOMS: atom_id res chain seq x y z
N ARG A 17 34.73 -13.92 -4.76
CA ARG A 17 34.28 -13.16 -3.60
C ARG A 17 33.71 -11.81 -4.02
N HIS A 18 34.43 -11.10 -4.88
CA HIS A 18 33.94 -9.84 -5.45
C HIS A 18 33.19 -10.15 -6.74
N SER A 19 31.88 -9.94 -6.73
CA SER A 19 31.06 -10.29 -7.88
C SER A 19 29.80 -9.42 -7.96
N ARG A 20 29.46 -9.04 -9.19
CA ARG A 20 28.20 -8.36 -9.49
C ARG A 20 27.28 -9.29 -10.30
N LEU A 21 27.66 -10.56 -10.36
CA LEU A 21 26.85 -11.58 -11.03
C LEU A 21 25.62 -11.89 -10.19
N ILE A 22 25.82 -11.97 -8.87
CA ILE A 22 24.75 -12.27 -7.93
C ILE A 22 23.73 -11.13 -7.91
N LEU A 23 24.22 -9.91 -8.14
CA LEU A 23 23.34 -8.75 -8.21
C LEU A 23 22.37 -8.91 -9.38
N ALA A 24 22.89 -9.37 -10.52
CA ALA A 24 22.07 -9.55 -11.71
C ALA A 24 21.02 -10.65 -11.51
N ILE A 25 21.41 -11.68 -10.76
CA ILE A 25 20.51 -12.81 -10.44
C ILE A 25 19.42 -12.38 -9.46
N LEU A 26 19.83 -11.71 -8.38
CA LEU A 26 18.90 -11.22 -7.37
C LEU A 26 18.00 -10.13 -7.93
N ALA A 27 18.56 -9.29 -8.79
CA ALA A 27 17.78 -8.26 -9.47
C ALA A 27 16.91 -8.89 -10.56
N GLY A 28 17.38 -9.99 -11.13
CA GLY A 28 16.62 -10.72 -12.13
C GLY A 28 15.35 -11.31 -11.52
N LEU A 29 15.52 -12.02 -10.42
CA LEU A 29 14.39 -12.55 -9.64
C LEU A 29 13.47 -11.42 -9.18
N GLY A 30 14.05 -10.32 -8.75
CA GLY A 30 13.27 -9.18 -8.30
C GLY A 30 12.43 -8.60 -9.43
N SER A 31 13.03 -8.50 -10.62
CA SER A 31 12.34 -7.91 -11.77
C SER A 31 11.15 -8.75 -12.23
N LEU A 32 11.27 -10.07 -12.13
CA LEU A 32 10.19 -10.97 -12.49
C LEU A 32 9.06 -10.89 -11.47
N LEU A 33 9.45 -10.97 -10.21
CA LEU A 33 8.52 -10.92 -9.10
C LEU A 33 7.67 -9.64 -9.16
N THR A 34 8.34 -8.49 -9.21
CA THR A 34 7.66 -7.20 -9.15
C THR A 34 6.90 -6.90 -10.45
N ALA A 35 7.28 -7.58 -11.54
CA ALA A 35 6.61 -7.41 -12.81
C ALA A 35 5.34 -8.23 -12.84
N TYR A 36 5.36 -9.39 -12.19
CA TYR A 36 4.18 -10.24 -12.10
C TYR A 36 3.09 -9.55 -11.29
N LEU A 37 3.48 -8.93 -10.17
CA LEU A 37 2.54 -8.26 -9.30
C LEU A 37 1.86 -7.09 -9.99
N THR A 38 2.60 -6.42 -10.86
CA THR A 38 2.03 -5.34 -11.66
C THR A 38 0.92 -5.91 -12.54
N TYR A 39 1.17 -7.07 -13.12
CA TYR A 39 0.18 -7.74 -13.97
C TYR A 39 -1.09 -8.07 -13.18
N THR A 40 -0.94 -8.58 -11.96
CA THR A 40 -2.09 -8.85 -11.10
C THR A 40 -2.76 -7.56 -10.65
N LYS A 41 -1.96 -6.53 -10.41
CA LYS A 41 -2.50 -5.22 -10.02
C LYS A 41 -3.13 -4.49 -11.19
N LEU A 42 -2.61 -4.74 -12.39
CA LEU A 42 -3.04 -4.02 -13.58
C LEU A 42 -4.24 -4.68 -14.25
N THR A 43 -4.16 -5.98 -14.51
CA THR A 43 -5.30 -6.71 -15.07
C THR A 43 -6.49 -6.49 -14.16
N GLU A 44 -6.40 -7.09 -12.96
CA GLU A 44 -7.22 -6.70 -11.81
C GLU A 44 -8.65 -6.35 -12.16
N GLN A 45 -9.49 -7.37 -12.32
CA GLN A 45 -10.91 -7.11 -12.50
C GLN A 45 -11.40 -6.36 -11.26
N PRO A 46 -11.92 -5.15 -11.46
CA PRO A 46 -12.16 -4.29 -10.30
C PRO A 46 -13.31 -4.80 -9.43
N ALA A 47 -13.21 -4.56 -8.13
CA ALA A 47 -14.24 -4.99 -7.20
C ALA A 47 -14.18 -4.14 -5.94
N ALA A 48 -15.26 -4.13 -5.19
CA ALA A 48 -15.35 -3.37 -3.94
C ALA A 48 -15.75 -4.29 -2.79
N PHE A 49 -16.48 -5.35 -3.11
CA PHE A 49 -17.04 -6.25 -2.12
C PHE A 49 -15.97 -6.95 -1.26
N CYS A 50 -14.88 -7.35 -1.90
CA CYS A 50 -13.77 -8.05 -1.23
C CYS A 50 -14.25 -9.18 -0.31
N THR A 51 -15.39 -9.77 -0.67
CA THR A 51 -16.04 -10.80 0.14
C THR A 51 -15.07 -11.85 0.65
N GLY A 52 -14.16 -12.29 -0.22
CA GLY A 52 -13.33 -13.44 0.05
C GLY A 52 -11.84 -13.17 -0.11
N ASP A 53 -11.17 -12.95 1.02
CA ASP A 53 -9.70 -12.89 1.06
C ASP A 53 -9.24 -13.52 2.37
N GLY A 54 -8.42 -14.55 2.26
CA GLY A 54 -7.86 -15.20 3.43
C GLY A 54 -7.03 -14.24 4.28
N GLY A 55 -5.89 -13.81 3.75
CA GLY A 55 -5.41 -14.19 2.43
C GLY A 55 -4.08 -13.52 2.15
N CYS A 56 -3.98 -12.87 1.00
CA CYS A 56 -2.85 -11.98 0.70
C CYS A 56 -3.33 -10.69 0.02
N ASP A 57 -4.39 -10.81 -0.76
CA ASP A 57 -5.01 -9.66 -1.40
C ASP A 57 -5.44 -8.61 -0.38
N LEU A 58 -5.69 -9.05 0.85
CA LEU A 58 -6.06 -8.15 1.95
C LEU A 58 -4.92 -7.17 2.30
N VAL A 59 -3.69 -7.66 2.30
CA VAL A 59 -2.52 -6.83 2.55
C VAL A 59 -2.20 -6.06 1.29
N LEU A 60 -2.20 -6.80 0.18
CA LEU A 60 -1.77 -6.30 -1.10
C LEU A 60 -2.56 -5.07 -1.53
N SER A 61 -3.85 -5.26 -1.78
CA SER A 61 -4.64 -4.22 -2.46
C SER A 61 -4.97 -3.05 -1.54
N SER A 62 -4.36 -3.01 -0.36
CA SER A 62 -4.41 -1.82 0.46
C SER A 62 -3.91 -0.64 -0.36
N ARG A 63 -4.69 0.44 -0.42
CA ARG A 63 -4.10 1.72 -0.80
C ARG A 63 -2.93 1.82 0.16
N TRP A 64 -1.84 2.40 -0.31
CA TRP A 64 -0.47 2.20 0.20
C TRP A 64 0.25 1.45 -0.92
N ALA A 65 -0.51 0.59 -1.62
CA ALA A 65 0.03 -0.20 -2.74
C ALA A 65 0.03 0.59 -4.04
N GLU A 66 -0.58 1.77 -4.03
CA GLU A 66 -0.49 2.69 -5.16
C GLU A 66 0.42 3.83 -4.79
N PHE A 67 1.34 4.14 -5.70
CA PHE A 67 2.37 5.15 -5.46
C PHE A 67 2.48 6.10 -6.66
N LEU A 68 2.05 7.35 -6.47
CA LEU A 68 2.21 8.40 -7.47
C LEU A 68 1.39 8.12 -8.74
N GLY A 69 0.33 7.34 -8.60
CA GLY A 69 -0.56 7.05 -9.71
C GLY A 69 -0.30 5.69 -10.34
N ILE A 70 0.79 5.04 -9.95
CA ILE A 70 1.12 3.71 -10.45
C ILE A 70 1.28 2.73 -9.28
N PRO A 71 1.15 1.41 -9.55
CA PRO A 71 1.34 0.39 -8.52
C PRO A 71 2.70 0.48 -7.82
N THR A 72 2.78 0.16 -6.53
CA THR A 72 4.04 0.16 -5.81
C THR A 72 4.99 -0.84 -6.43
N ALA A 73 4.44 -1.91 -6.97
CA ALA A 73 5.24 -2.95 -7.60
C ALA A 73 5.99 -2.39 -8.83
N ALA A 74 5.34 -1.48 -9.54
CA ALA A 74 5.92 -0.88 -10.74
C ALA A 74 7.10 0.03 -10.39
N VAL A 75 7.10 0.57 -9.18
CA VAL A 75 8.21 1.38 -8.67
C VAL A 75 9.41 0.47 -8.41
N GLY A 76 9.16 -0.71 -7.83
CA GLY A 76 10.21 -1.67 -7.59
C GLY A 76 10.74 -2.19 -8.91
N LEU A 77 9.91 -2.15 -9.93
CA LEU A 77 10.31 -2.59 -11.26
C LEU A 77 11.33 -1.64 -11.86
N LEU A 78 11.12 -0.33 -11.68
CA LEU A 78 12.09 0.66 -12.10
C LEU A 78 13.39 0.48 -11.34
N GLY A 79 13.26 0.05 -10.09
CA GLY A 79 14.42 -0.16 -9.24
C GLY A 79 15.17 -1.44 -9.60
N PHE A 80 14.48 -2.57 -9.59
CA PHE A 80 15.10 -3.86 -9.87
C PHE A 80 15.68 -3.94 -11.29
N LEU A 81 15.04 -3.26 -12.24
CA LEU A 81 15.60 -3.15 -13.58
C LEU A 81 16.77 -2.16 -13.59
N GLY A 82 16.73 -1.18 -12.70
CA GLY A 82 17.78 -0.19 -12.62
C GLY A 82 19.06 -0.84 -12.15
N VAL A 83 18.98 -1.61 -11.07
CA VAL A 83 20.13 -2.30 -10.48
C VAL A 83 20.67 -3.36 -11.44
N LEU A 84 19.75 -4.00 -12.18
CA LEU A 84 20.14 -5.02 -13.13
C LEU A 84 20.99 -4.42 -14.24
N ALA A 85 20.52 -3.29 -14.78
CA ALA A 85 21.20 -2.62 -15.88
C ALA A 85 22.60 -2.17 -15.48
N LEU A 86 22.74 -1.66 -14.26
CA LEU A 86 24.04 -1.20 -13.76
C LEU A 86 25.03 -2.36 -13.63
N ALA A 87 24.50 -3.56 -13.42
CA ALA A 87 25.33 -4.73 -13.21
C ALA A 87 25.73 -5.35 -14.55
N VAL A 88 24.83 -5.27 -15.53
CA VAL A 88 25.03 -5.92 -16.83
C VAL A 88 25.93 -5.10 -17.74
N LEU A 89 25.74 -3.78 -17.74
CA LEU A 89 26.48 -2.90 -18.63
C LEU A 89 27.99 -3.10 -18.50
N PRO A 90 28.71 -3.10 -19.62
CA PRO A 90 30.18 -3.19 -19.59
C PRO A 90 30.82 -1.86 -19.21
N ASP A 91 32.05 -1.91 -18.71
CA ASP A 91 32.78 -0.70 -18.33
C ASP A 91 33.71 -0.23 -19.43
N LEU A 93 32.02 2.00 -22.21
CA LEU A 93 30.82 2.83 -22.24
C LEU A 93 31.03 4.11 -21.43
N PRO A 94 30.19 5.13 -21.66
CA PRO A 94 30.35 6.41 -20.96
C PRO A 94 29.83 6.40 -19.51
N LEU A 95 30.59 7.04 -18.62
CA LEU A 95 30.16 7.31 -17.25
C LEU A 95 29.89 6.08 -16.38
N VAL A 96 30.17 4.88 -16.90
CA VAL A 96 29.80 3.66 -16.18
C VAL A 96 30.84 3.28 -15.12
N LYS A 97 32.07 3.01 -15.53
CA LYS A 97 33.11 2.60 -14.61
C LYS A 97 33.23 3.57 -13.45
N ARG A 98 32.98 4.84 -13.73
CA ARG A 98 33.13 5.91 -12.75
C ARG A 98 31.95 5.96 -11.78
N TRP A 99 30.73 5.80 -12.31
CA TRP A 99 29.51 6.00 -11.53
C TRP A 99 28.74 4.72 -11.25
N ARG A 100 29.24 3.59 -11.75
CA ARG A 100 28.53 2.32 -11.61
C ARG A 100 28.26 1.96 -10.16
N TRP A 101 29.33 1.87 -9.37
CA TRP A 101 29.22 1.42 -7.98
C TRP A 101 28.73 2.47 -6.98
N PRO A 102 28.98 3.76 -7.24
CA PRO A 102 28.31 4.73 -6.35
C PRO A 102 26.81 4.83 -6.62
N ALA A 103 26.37 4.61 -7.86
CA ALA A 103 24.96 4.64 -8.21
C ALA A 103 24.25 3.38 -7.72
N LEU A 104 24.99 2.28 -7.59
CA LEU A 104 24.45 1.03 -7.07
C LEU A 104 24.15 1.16 -5.59
N PHE A 105 25.03 1.83 -4.85
CA PHE A 105 24.84 2.01 -3.42
C PHE A 105 23.70 3.00 -3.14
N GLY A 106 23.50 3.94 -4.05
CA GLY A 106 22.42 4.91 -3.90
C GLY A 106 21.08 4.24 -4.12
N LEU A 107 20.95 3.57 -5.26
CA LEU A 107 19.71 2.92 -5.65
C LEU A 107 19.29 1.82 -4.67
N VAL A 108 20.25 0.98 -4.27
CA VAL A 108 19.97 -0.11 -3.35
C VAL A 108 19.58 0.43 -1.96
N SER A 109 20.28 1.47 -1.51
CA SER A 109 19.97 2.07 -0.21
C SER A 109 18.53 2.57 -0.16
N ALA A 110 18.11 3.23 -1.24
CA ALA A 110 16.74 3.68 -1.39
C ALA A 110 15.77 2.50 -1.37
N MET A 111 16.18 1.39 -1.98
CA MET A 111 15.34 0.20 -2.04
C MET A 111 15.21 -0.49 -0.68
N THR A 112 16.29 -0.49 0.10
CA THR A 112 16.25 -1.04 1.45
C THR A 112 15.38 -0.18 2.37
N ALA A 113 15.53 1.14 2.27
CA ALA A 113 14.78 2.07 3.10
C ALA A 113 13.29 1.93 2.84
N PHE A 114 12.93 1.94 1.55
CA PHE A 114 11.54 1.79 1.15
C PHE A 114 10.98 0.51 1.71
N GLU A 115 11.81 -0.53 1.74
CA GLU A 115 11.37 -1.85 2.17
C GLU A 115 11.12 -1.92 3.68
N MET A 116 11.95 -1.23 4.45
CA MET A 116 11.79 -1.20 5.90
C MET A 116 10.49 -0.49 6.27
N TYR A 117 10.08 0.48 5.45
CA TYR A 117 8.79 1.13 5.63
C TYR A 117 7.66 0.17 5.23
N MET A 118 7.86 -0.59 4.16
CA MET A 118 6.91 -1.63 3.75
C MET A 118 6.78 -2.66 4.86
N LEU A 119 7.90 -3.07 5.42
CA LEU A 119 7.93 -4.02 6.52
C LEU A 119 7.21 -3.44 7.73
N TYR A 120 7.37 -2.14 7.96
CA TYR A 120 6.74 -1.47 9.09
C TYR A 120 5.22 -1.51 8.95
N LEU A 121 4.73 -1.28 7.73
CA LEU A 121 3.29 -1.31 7.46
C LEU A 121 2.69 -2.66 7.77
N MET A 122 3.36 -3.72 7.33
CA MET A 122 2.86 -5.07 7.52
C MET A 122 2.71 -5.43 9.00
N VAL A 123 3.78 -5.21 9.76
CA VAL A 123 3.84 -5.65 11.15
C VAL A 123 2.99 -4.77 12.08
N ALA A 124 2.96 -3.47 11.83
CA ALA A 124 2.38 -2.52 12.76
C ALA A 124 0.96 -2.12 12.36
N VAL A 125 0.78 -1.58 11.17
CA VAL A 125 -0.48 -0.95 10.80
C VAL A 125 -1.43 -1.94 10.10
N LEU A 126 -0.90 -2.78 9.22
CA LEU A 126 -1.72 -3.77 8.54
C LEU A 126 -1.82 -5.05 9.36
N ARG A 127 -0.82 -5.29 10.22
CA ARG A 127 -0.84 -6.42 11.14
C ARG A 127 -0.97 -7.76 10.41
N GLN A 128 -0.49 -7.80 9.17
CA GLN A 128 -0.54 -9.01 8.36
C GLN A 128 0.68 -9.12 7.45
N PHE A 129 0.73 -10.16 6.64
CA PHE A 129 1.87 -10.41 5.74
C PHE A 129 1.42 -10.93 4.38
N CYS A 130 2.33 -10.84 3.40
CA CYS A 130 2.14 -11.44 2.09
C CYS A 130 3.46 -12.05 1.63
N MET A 131 3.40 -13.26 1.08
CA MET A 131 4.61 -13.98 0.72
C MET A 131 5.36 -13.32 -0.45
N TYR A 132 4.62 -12.74 -1.39
CA TYR A 132 5.24 -12.02 -2.51
C TYR A 132 6.01 -10.81 -1.99
N CYS A 133 5.40 -10.09 -1.05
CA CYS A 133 6.00 -8.90 -0.47
C CYS A 133 7.19 -9.25 0.40
N THR A 134 7.11 -10.38 1.10
CA THR A 134 8.17 -10.81 2.00
C THR A 134 9.39 -11.28 1.22
N THR A 135 9.15 -11.91 0.07
CA THR A 135 10.23 -12.40 -0.78
C THR A 135 11.06 -11.24 -1.35
N ALA A 136 10.40 -10.13 -1.63
CA ALA A 136 11.05 -8.95 -2.18
C ALA A 136 11.98 -8.30 -1.15
N ILE A 137 11.56 -8.31 0.11
CA ILE A 137 12.38 -7.79 1.21
C ILE A 137 13.70 -8.54 1.30
N ILE A 138 13.62 -9.86 1.29
CA ILE A 138 14.78 -10.71 1.40
C ILE A 138 15.66 -10.57 0.17
N LEU A 139 15.03 -10.37 -0.98
CA LEU A 139 15.77 -10.12 -2.21
C LEU A 139 16.56 -8.81 -2.11
N VAL A 140 15.92 -7.78 -1.57
CA VAL A 140 16.55 -6.48 -1.41
C VAL A 140 17.57 -6.51 -0.27
N ALA A 141 17.26 -7.26 0.79
CA ALA A 141 18.23 -7.48 1.86
C ALA A 141 19.44 -8.20 1.31
N GLY A 142 19.21 -9.08 0.34
CA GLY A 142 20.27 -9.78 -0.35
C GLY A 142 21.09 -8.82 -1.18
N LEU A 143 20.40 -7.88 -1.83
CA LEU A 143 21.09 -6.84 -2.60
C LEU A 143 21.94 -5.93 -1.71
N GLY A 144 21.45 -5.65 -0.51
CA GLY A 144 22.15 -4.76 0.40
C GLY A 144 23.43 -5.36 0.94
N LEU A 145 23.41 -6.67 1.16
CA LEU A 145 24.58 -7.38 1.66
C LEU A 145 25.66 -7.50 0.59
N VAL A 146 25.25 -7.82 -0.63
CA VAL A 146 26.18 -8.07 -1.72
C VAL A 146 26.85 -6.77 -2.15
N THR A 147 26.08 -5.69 -2.17
CA THR A 147 26.60 -4.39 -2.60
C THR A 147 27.65 -3.88 -1.62
N VAL A 148 27.51 -4.27 -0.36
CA VAL A 148 28.44 -3.86 0.69
C VAL A 148 29.74 -4.67 0.60
N LEU A 149 29.62 -5.94 0.26
CA LEU A 149 30.74 -6.87 0.26
C LEU A 149 31.22 -7.23 -1.14
N GLY A 150 30.91 -6.38 -2.12
CA GLY A 150 31.25 -6.64 -3.50
C GLY A 150 32.03 -5.52 -4.16
N HIS A 151 32.61 -4.64 -3.36
CA HIS A 151 33.42 -3.55 -3.88
C HIS A 151 34.24 -2.98 -2.73
N ARG A 152 35.31 -2.26 -3.08
CA ARG A 152 36.20 -1.66 -2.09
C ARG A 152 36.08 -0.14 -2.06
N TRP A 153 35.57 0.39 -0.95
CA TRP A 153 35.59 1.82 -0.68
C TRP A 153 36.17 2.07 0.71
N LEU A 154 37.48 2.21 0.78
CA LEU A 154 38.18 2.42 2.05
C LEU A 154 37.87 3.81 2.60
N GLY A 156 34.65 3.70 4.11
CA GLY A 156 34.38 3.14 5.43
C GLY A 156 33.23 3.83 6.12
N GLY A 157 33.52 4.94 6.79
CA GLY A 157 32.50 5.75 7.44
C GLY A 157 31.67 6.51 6.42
N LYS A 158 32.17 6.56 5.18
CA LYS A 158 31.44 7.20 4.09
C LYS A 158 30.12 6.48 3.83
N LEU A 159 30.20 5.16 3.70
CA LEU A 159 29.04 4.34 3.36
C LEU A 159 27.95 4.41 4.43
N ALA A 160 28.36 4.43 5.70
CA ALA A 160 27.41 4.46 6.81
C ALA A 160 26.68 5.79 6.84
N PHE A 161 27.31 6.83 6.33
CA PHE A 161 26.69 8.15 6.26
C PHE A 161 25.87 8.32 4.99
N SER A 162 26.39 7.80 3.89
CA SER A 162 25.70 7.88 2.59
C SER A 162 24.39 7.11 2.65
N TYR A 163 24.34 6.09 3.50
CA TYR A 163 23.14 5.26 3.65
C TYR A 163 22.04 6.04 4.35
N ILE A 164 22.40 6.73 5.43
CA ILE A 164 21.44 7.50 6.21
C ILE A 164 20.89 8.67 5.41
N LEU A 165 21.76 9.29 4.62
CA LEU A 165 21.35 10.41 3.79
C LEU A 165 20.26 9.99 2.80
N VAL A 166 20.51 8.88 2.12
CA VAL A 166 19.59 8.37 1.10
C VAL A 166 18.32 7.84 1.76
N ALA A 167 18.48 7.11 2.86
CA ALA A 167 17.35 6.56 3.59
C ALA A 167 16.44 7.68 4.07
N PHE A 168 17.06 8.73 4.60
CA PHE A 168 16.33 9.88 5.10
C PHE A 168 15.51 10.56 3.99
N LEU A 169 16.16 10.83 2.87
CA LEU A 169 15.48 11.40 1.70
C LEU A 169 14.36 10.49 1.22
N THR A 170 14.61 9.19 1.25
CA THR A 170 13.63 8.21 0.79
C THR A 170 12.40 8.19 1.71
N LEU A 171 12.63 8.10 3.02
CA LEU A 171 11.54 8.01 3.99
C LEU A 171 10.68 9.26 3.95
N VAL A 172 11.32 10.41 3.84
CA VAL A 172 10.60 11.68 3.82
C VAL A 172 9.74 11.76 2.57
N THR A 173 10.30 11.35 1.44
CA THR A 173 9.56 11.39 0.17
C THR A 173 8.45 10.34 0.18
N THR A 174 8.76 9.15 0.67
CA THR A 174 7.78 8.07 0.75
C THR A 174 6.59 8.48 1.63
N ILE A 175 6.88 8.73 2.90
CA ILE A 175 5.84 9.13 3.86
C ILE A 175 5.07 10.36 3.38
N GLY A 176 5.78 11.27 2.72
CA GLY A 176 5.15 12.48 2.21
C GLY A 176 4.15 12.18 1.11
N VAL A 177 4.46 11.21 0.26
CA VAL A 177 3.56 10.82 -0.83
C VAL A 177 2.32 10.09 -0.30
N TYR A 178 2.51 9.22 0.68
CA TYR A 178 1.38 8.46 1.25
C TYR A 178 0.48 9.34 2.12
N ALA A 179 0.95 10.55 2.44
CA ALA A 179 0.14 11.53 3.14
C ALA A 179 -0.54 12.45 2.11
N ASN A 180 0.15 12.74 1.01
CA ASN A 180 -0.42 13.52 -0.08
C ASN A 180 -1.22 12.63 -1.03
N GLN A 181 -1.38 11.37 -0.65
CA GLN A 181 -2.09 10.39 -1.47
C GLN A 181 -3.60 10.59 -1.35
N VAL A 182 -4.05 10.87 -0.14
CA VAL A 182 -5.48 10.88 0.15
C VAL A 182 -6.04 12.29 0.04
N PRO A 183 -7.23 12.43 -0.57
CA PRO A 183 -7.90 13.74 -0.53
C PRO A 183 -8.43 14.05 0.87
N PRO A 184 -8.28 15.30 1.34
CA PRO A 184 -8.75 15.68 2.68
C PRO A 184 -10.29 15.73 2.70
N PRO A 185 -10.90 16.14 3.83
CA PRO A 185 -12.36 16.13 3.90
C PRO A 185 -13.05 16.96 2.80
N SER A 186 -13.86 16.29 1.99
CA SER A 186 -14.71 16.95 0.99
C SER A 186 -15.69 17.89 1.72
N PRO A 187 -16.19 18.94 1.04
CA PRO A 187 -17.10 19.83 1.77
C PRO A 187 -18.41 19.14 2.18
N LEU A 188 -18.90 18.25 1.32
CA LEU A 188 -20.11 17.50 1.58
C LEU A 188 -19.94 16.52 2.75
N ALA A 189 -18.70 16.13 2.99
CA ALA A 189 -18.39 15.04 3.91
C ALA A 189 -18.88 15.30 5.33
N VAL A 190 -18.58 16.49 5.85
CA VAL A 190 -18.86 16.83 7.24
C VAL A 190 -20.35 16.76 7.56
N GLY A 191 -21.17 17.35 6.70
CA GLY A 191 -22.60 17.42 6.92
C GLY A 191 -23.28 16.05 6.80
N LEU A 192 -22.88 15.29 5.79
CA LEU A 192 -23.38 13.93 5.59
C LEU A 192 -23.16 13.08 6.84
N ALA A 193 -21.94 13.05 7.34
CA ALA A 193 -21.60 12.22 8.49
C ALA A 193 -22.50 12.49 9.69
N ALA A 194 -22.84 13.76 9.91
CA ALA A 194 -23.75 14.15 10.99
C ALA A 194 -25.19 13.76 10.65
N HIS A 195 -25.51 13.79 9.37
CA HIS A 195 -26.85 13.44 8.91
C HIS A 195 -27.14 11.96 9.08
N LEU A 196 -26.19 11.13 8.67
CA LEU A 196 -26.28 9.68 8.86
C LEU A 196 -26.37 9.29 10.33
N ARG A 197 -25.73 10.08 11.17
CA ARG A 197 -25.73 9.84 12.61
C ARG A 197 -27.15 10.01 13.18
N GLN A 198 -27.91 10.92 12.57
CA GLN A 198 -29.26 11.22 13.04
C GLN A 198 -30.30 10.21 12.56
N ILE A 199 -30.20 9.78 11.31
CA ILE A 199 -31.13 8.81 10.74
C ILE A 199 -30.66 7.37 10.98
N GLY A 200 -29.48 7.22 11.58
CA GLY A 200 -28.97 5.91 11.93
C GLY A 200 -28.46 5.14 10.74
N GLY A 201 -28.00 5.85 9.72
CA GLY A 201 -27.38 5.24 8.57
C GLY A 201 -26.05 4.64 8.98
N THR A 202 -26.00 3.31 9.10
CA THR A 202 -24.85 2.64 9.69
C THR A 202 -24.00 1.94 8.63
N MET A 203 -22.69 1.92 8.88
CA MET A 203 -21.74 1.23 8.03
C MET A 203 -21.21 -0.03 8.73
N TYR A 204 -21.35 -1.16 8.06
CA TYR A 204 -20.87 -2.44 8.56
C TYR A 204 -19.62 -2.82 7.80
N GLY A 205 -18.53 -3.06 8.52
CA GLY A 205 -17.28 -3.41 7.89
C GLY A 205 -16.22 -3.86 8.87
N ALA A 206 -15.00 -4.03 8.38
CA ALA A 206 -13.90 -4.55 9.17
C ALA A 206 -12.73 -3.57 9.19
N TYR A 207 -11.85 -3.70 10.18
CA TYR A 207 -10.70 -2.82 10.32
C TYR A 207 -9.59 -3.24 9.35
N TRP A 208 -9.55 -4.53 9.03
CA TRP A 208 -8.57 -5.04 8.07
C TRP A 208 -9.05 -4.79 6.64
N CYS A 209 -10.37 -4.63 6.49
CA CYS A 209 -10.98 -4.49 5.17
C CYS A 209 -10.43 -3.27 4.41
N PRO A 210 -9.71 -3.50 3.29
CA PRO A 210 -9.10 -2.40 2.54
C PRO A 210 -10.10 -1.40 1.95
N HIS A 211 -11.27 -1.89 1.54
CA HIS A 211 -12.28 -1.03 0.92
C HIS A 211 -13.06 -0.23 1.96
N ALA A 212 -13.15 -0.79 3.17
CA ALA A 212 -13.68 -0.04 4.30
C ALA A 212 -12.75 1.14 4.58
N GLN A 213 -11.45 0.93 4.36
CA GLN A 213 -10.45 1.98 4.52
C GLN A 213 -10.60 3.03 3.43
N ASP A 214 -10.92 2.58 2.22
CA ASP A 214 -11.17 3.48 1.10
C ASP A 214 -12.41 4.33 1.39
N GLN A 215 -13.45 3.69 1.90
CA GLN A 215 -14.67 4.39 2.28
C GLN A 215 -14.40 5.35 3.44
N LYS A 216 -13.54 4.92 4.35
CA LYS A 216 -13.18 5.72 5.51
C LYS A 216 -12.43 6.97 5.07
N GLU A 217 -11.60 6.82 4.05
CA GLU A 217 -10.70 7.88 3.59
C GLU A 217 -11.45 8.97 2.82
N LEU A 218 -12.62 8.62 2.30
CA LEU A 218 -13.43 9.56 1.55
C LEU A 218 -14.10 10.57 2.47
N PHE A 219 -14.24 10.20 3.74
CA PHE A 219 -14.78 11.10 4.75
C PHE A 219 -13.68 11.86 5.47
N GLY A 220 -12.55 11.19 5.68
CA GLY A 220 -11.44 11.77 6.41
C GLY A 220 -11.69 11.70 7.90
N ALA A 221 -11.37 12.78 8.60
CA ALA A 221 -11.54 12.86 10.05
C ALA A 221 -13.00 12.89 10.44
N ALA A 222 -13.87 13.15 9.47
CA ALA A 222 -15.30 13.25 9.73
C ALA A 222 -15.93 11.87 9.93
N PHE A 223 -15.16 10.82 9.69
CA PHE A 223 -15.66 9.46 9.84
C PHE A 223 -15.97 9.11 11.29
N ASP A 224 -15.48 9.93 12.22
CA ASP A 224 -15.72 9.73 13.64
C ASP A 224 -17.21 9.79 13.95
N GLN A 225 -17.91 10.64 13.19
CA GLN A 225 -19.34 10.85 13.39
C GLN A 225 -20.15 9.68 12.84
N VAL A 226 -19.64 9.05 11.80
CA VAL A 226 -20.35 7.97 11.11
C VAL A 226 -20.57 6.77 12.03
N PRO A 227 -21.84 6.30 12.15
CA PRO A 227 -22.13 5.07 12.89
C PRO A 227 -21.46 3.86 12.26
N TYR A 228 -20.56 3.21 12.99
CA TYR A 228 -19.79 2.10 12.46
C TYR A 228 -19.86 0.89 13.38
N VAL A 229 -20.10 -0.28 12.79
CA VAL A 229 -20.15 -1.53 13.55
C VAL A 229 -19.00 -2.43 13.09
N GLU A 230 -18.10 -2.74 14.02
CA GLU A 230 -17.02 -3.67 13.75
C GLU A 230 -17.60 -5.09 13.65
N CYS A 231 -17.50 -5.69 12.46
CA CYS A 231 -18.11 -6.98 12.21
C CYS A 231 -17.25 -8.16 12.64
N SER A 232 -15.95 -7.93 12.80
CA SER A 232 -15.03 -8.98 13.19
C SER A 232 -13.90 -8.44 14.08
N PRO A 233 -14.18 -8.26 15.39
CA PRO A 233 -13.19 -7.69 16.30
C PRO A 233 -11.96 -8.58 16.50
N ASN A 234 -12.17 -9.90 16.43
CA ASN A 234 -11.10 -10.85 16.71
C ASN A 234 -10.06 -10.91 15.60
N GLY A 235 -10.50 -10.61 14.38
CA GLY A 235 -9.61 -10.57 13.23
C GLY A 235 -10.05 -11.49 12.10
N PRO A 236 -9.21 -11.62 11.06
CA PRO A 236 -9.50 -12.46 9.90
C PRO A 236 -9.61 -13.94 10.23
N GLY A 237 -10.46 -14.67 9.52
CA GLY A 237 -10.59 -16.10 9.73
C GLY A 237 -11.52 -16.46 10.88
N THR A 238 -11.88 -15.46 11.68
CA THR A 238 -12.75 -15.68 12.82
C THR A 238 -14.19 -15.36 12.45
N PRO A 239 -15.15 -16.14 12.99
CA PRO A 239 -16.58 -15.86 12.76
C PRO A 239 -16.92 -14.40 13.11
N GLN A 240 -17.71 -13.76 12.26
CA GLN A 240 -18.03 -12.35 12.44
C GLN A 240 -18.95 -12.15 13.64
N ALA A 241 -18.92 -10.94 14.20
CA ALA A 241 -19.70 -10.61 15.39
C ALA A 241 -21.20 -10.81 15.15
N GLN A 242 -21.97 -10.82 16.24
CA GLN A 242 -23.39 -11.12 16.19
C GLN A 242 -24.18 -10.03 15.47
N GLU A 243 -23.91 -8.78 15.82
CA GLU A 243 -24.67 -7.63 15.32
C GLU A 243 -24.74 -7.61 13.80
N CYS A 244 -23.65 -7.98 13.14
CA CYS A 244 -23.57 -7.99 11.68
C CYS A 244 -24.27 -9.21 11.10
N THR A 245 -24.27 -10.31 11.85
CA THR A 245 -24.91 -11.54 11.40
C THR A 245 -26.42 -11.39 11.45
N GLU A 246 -26.91 -10.60 12.41
CA GLU A 246 -28.33 -10.35 12.55
C GLU A 246 -28.86 -9.51 11.39
N ALA A 247 -27.97 -8.75 10.77
CA ALA A 247 -28.33 -7.86 9.67
C ALA A 247 -28.12 -8.55 8.31
N GLY A 248 -27.45 -9.71 8.34
CA GLY A 248 -27.25 -10.51 7.14
C GLY A 248 -26.09 -10.01 6.29
N ILE A 249 -25.11 -9.40 6.94
CA ILE A 249 -23.95 -8.85 6.22
C ILE A 249 -23.07 -10.00 5.73
N THR A 250 -22.95 -10.12 4.42
CA THR A 250 -22.13 -11.15 3.80
C THR A 250 -20.76 -10.59 3.39
N SER A 251 -20.72 -9.28 3.13
CA SER A 251 -19.52 -8.64 2.60
C SER A 251 -19.29 -7.25 3.20
N TYR A 252 -18.06 -6.76 3.10
CA TYR A 252 -17.69 -5.46 3.65
C TYR A 252 -17.11 -4.54 2.57
N PRO A 253 -17.39 -3.23 2.64
CA PRO A 253 -18.31 -2.57 3.58
C PRO A 253 -19.76 -2.68 3.10
N THR A 254 -20.71 -2.57 4.03
CA THR A 254 -22.13 -2.66 3.70
C THR A 254 -22.88 -1.58 4.46
N TRP A 255 -23.55 -0.72 3.70
CA TRP A 255 -24.35 0.35 4.27
C TRP A 255 -25.80 -0.07 4.41
N ILE A 256 -26.38 0.25 5.57
CA ILE A 256 -27.82 0.15 5.75
C ILE A 256 -28.35 1.55 6.09
N ILE A 257 -29.09 2.11 5.13
CA ILE A 257 -29.59 3.48 5.25
C ILE A 257 -31.07 3.52 4.90
N ASN A 258 -31.87 3.94 5.87
CA ASN A 258 -33.32 4.03 5.71
C ASN A 258 -33.91 2.73 5.16
N GLY A 259 -33.53 1.60 5.77
CA GLY A 259 -34.06 0.31 5.37
C GLY A 259 -33.41 -0.28 4.14
N ARG A 260 -32.79 0.57 3.32
CA ARG A 260 -32.16 0.13 2.08
C ARG A 260 -30.77 -0.44 2.34
N THR A 261 -30.32 -1.32 1.43
CA THR A 261 -29.02 -1.96 1.55
C THR A 261 -28.12 -1.59 0.39
N TYR A 262 -26.97 -1.00 0.71
CA TYR A 262 -25.97 -0.64 -0.29
C TYR A 262 -24.64 -1.31 0.06
N THR A 263 -24.16 -2.13 -0.86
CA THR A 263 -22.93 -2.89 -0.66
C THR A 263 -21.79 -2.30 -1.46
N GLY A 264 -20.62 -2.21 -0.83
CA GLY A 264 -19.43 -1.73 -1.50
C GLY A 264 -19.13 -0.28 -1.16
N VAL A 265 -18.02 0.22 -1.67
CA VAL A 265 -17.62 1.60 -1.43
C VAL A 265 -18.56 2.52 -2.21
N ARG A 266 -19.03 3.58 -1.56
CA ARG A 266 -19.89 4.56 -2.21
C ARG A 266 -19.33 5.97 -2.03
N SER A 267 -19.40 6.75 -3.10
CA SER A 267 -18.95 8.14 -3.04
C SER A 267 -19.84 8.92 -2.07
N LEU A 268 -19.35 10.07 -1.63
CA LEU A 268 -20.13 10.94 -0.76
C LEU A 268 -21.42 11.38 -1.42
N GLU A 269 -21.36 11.56 -2.74
CA GLU A 269 -22.52 12.01 -3.50
C GLU A 269 -23.63 10.97 -3.48
N ALA A 270 -23.26 9.71 -3.67
CA ALA A 270 -24.22 8.61 -3.71
C ALA A 270 -24.80 8.29 -2.34
N LEU A 271 -23.99 8.48 -1.30
CA LEU A 271 -24.44 8.28 0.08
C LEU A 271 -25.42 9.37 0.48
N ALA A 272 -25.19 10.59 -0.01
CA ALA A 272 -26.05 11.72 0.27
C ALA A 272 -27.43 11.48 -0.35
N VAL A 273 -27.44 10.93 -1.55
CA VAL A 273 -28.69 10.62 -2.25
C VAL A 273 -29.49 9.58 -1.47
N ALA A 274 -28.79 8.56 -0.97
CA ALA A 274 -29.43 7.47 -0.25
C ALA A 274 -29.99 7.95 1.09
N SER A 275 -29.24 8.84 1.74
CA SER A 275 -29.59 9.33 3.06
C SER A 275 -30.60 10.49 3.00
N GLY A 276 -30.80 11.04 1.79
CA GLY A 276 -31.72 12.15 1.61
C GLY A 276 -31.07 13.48 1.89
N TYR A 277 -29.75 13.51 1.89
CA TYR A 277 -29.00 14.72 2.22
C TYR A 277 -28.96 15.66 1.01
N PRO A 278 -29.49 16.89 1.17
CA PRO A 278 -29.60 17.79 0.00
C PRO A 278 -28.26 18.24 -0.59
N LEU A 279 -28.06 17.94 -1.87
CA LEU A 279 -26.94 18.44 -2.63
C LEU A 279 -27.38 19.66 -3.44
N GLU A 280 -27.23 20.84 -2.85
CA GLU A 280 -27.68 22.08 -3.48
C GLU A 280 -26.53 22.79 -4.19
N GLU A 281 -26.77 23.17 -5.45
CA GLU A 281 -25.80 23.92 -6.24
C GLU A 281 -26.45 25.14 -6.89
N GLY A 282 -27.71 25.40 -6.52
CA GLY A 282 -28.45 26.52 -7.06
C GLY A 282 -28.72 27.60 -6.02
C1 U10 B . 4.88 -4.68 -0.90
C2 U10 B . 4.38 -4.35 0.35
C3 U10 B . 3.18 -3.67 0.49
C4 U10 B . 2.45 -3.31 -0.65
C5 U10 B . 2.95 -3.65 -1.90
C6 U10 B . 4.17 -4.34 -2.04
C1M U10 B . 6.18 -5.41 -1.01
C3M U10 B . 2.53 -3.89 2.69
C4M U10 B . 0.51 -2.41 0.34
C7 U10 B . 4.58 -4.93 -3.37
C8 U10 B . 5.70 -4.09 -3.97
C9 U10 B . 7.05 -4.59 -4.28
C10 U10 B . 7.40 -6.06 -4.35
C11 U10 B . 8.15 -3.60 -4.58
C12 U10 B . 8.74 -3.01 -3.31
C13 U10 B . 10.12 -2.49 -3.66
C14 U10 B . 10.36 -1.08 -3.98
C15 U10 B . 9.22 -0.17 -4.38
C16 U10 B . 11.79 -0.58 -3.88
C17 U10 B . 12.17 0.45 -4.94
C18 U10 B . 12.72 1.70 -4.28
C19 U10 B . 13.23 2.85 -5.05
C20 U10 B . 13.41 2.79 -6.54
C21 U10 B . 13.60 4.11 -4.31
C22 U10 B . 12.43 5.09 -4.30
C23 U10 B . 12.90 6.39 -3.69
C24 U10 B . 11.99 7.51 -3.42
C25 U10 B . 10.53 7.29 -3.11
C26 U10 B . 12.52 8.93 -3.43
O2 U10 B . 5.14 -4.46 1.31
O3 U10 B . 2.95 -3.14 1.59
O4 U10 B . 1.21 -3.19 -0.60
O5 U10 B . 2.21 -3.50 -2.88
#